data_4RAX
#
_entry.id   4RAX
#
_cell.length_a   89.492
_cell.length_b   89.492
_cell.length_c   89.492
_cell.angle_alpha   90.00
_cell.angle_beta   90.00
_cell.angle_gamma   90.00
#
_symmetry.space_group_name_H-M   'P 21 3'
#
loop_
_entity.id
_entity.type
_entity.pdbx_description
1 polymer 'Piezo-type mechanosensitive ion channel component 1'
2 water water
#
_entity_poly.entity_id   1
_entity_poly.type   'polypeptide(L)'
_entity_poly.pdbx_seq_one_letter_code
;RSVVGVVNQPIDVTVTLKLGGYEPLFTMSAQQPSIVPFTPQAYEELSQQFDPYPLAMQFISQYSPEDIVTAQIEGSSGAL
WRISPPSRAQMKQELYNGTADITLRFTWNFQRDLAKGGTVEYTNEKHTLELAPNSTARRQLAQLLEGRPDQSVVIPHLFP
KYIRAPNGPEANPVKQLQPDEEEDYLGVRIQLRREQVGTGASGEQAGTKASDFLEWWVIELQDCKADCNLLPMVIFSDKV
SPPSVEHHHHHH
;
_entity_poly.pdbx_strand_id   A
#
# COMPACT_ATOMS: atom_id res chain seq x y z
N GLY A 5 5.52 -7.49 -27.81
CA GLY A 5 6.03 -7.01 -26.53
C GLY A 5 6.27 -8.14 -25.54
N VAL A 6 7.02 -7.83 -24.48
CA VAL A 6 7.43 -8.79 -23.47
C VAL A 6 6.74 -8.46 -22.14
N VAL A 7 6.29 -9.48 -21.40
CA VAL A 7 5.72 -9.25 -20.06
C VAL A 7 6.73 -8.58 -19.13
N ASN A 8 6.28 -7.57 -18.39
CA ASN A 8 7.17 -6.78 -17.54
C ASN A 8 6.73 -6.82 -16.07
N GLN A 9 6.74 -8.01 -15.50
CA GLN A 9 6.20 -8.24 -14.17
C GLN A 9 7.12 -7.70 -13.06
N PRO A 10 6.54 -7.05 -12.05
CA PRO A 10 7.39 -6.67 -10.91
C PRO A 10 8.02 -7.90 -10.25
N ILE A 11 9.29 -7.78 -9.86
CA ILE A 11 9.97 -8.83 -9.10
C ILE A 11 10.07 -8.46 -7.61
N ASP A 12 9.79 -7.20 -7.29
CA ASP A 12 9.70 -6.75 -5.91
C ASP A 12 8.67 -5.64 -5.84
N VAL A 13 7.80 -5.72 -4.86
CA VAL A 13 6.84 -4.66 -4.57
C VAL A 13 7.07 -4.22 -3.15
N THR A 14 7.54 -2.99 -2.99
CA THR A 14 7.87 -2.47 -1.67
C THR A 14 6.94 -1.31 -1.34
N VAL A 15 6.31 -1.41 -0.17
CA VAL A 15 5.39 -0.38 0.29
C VAL A 15 5.78 0.08 1.67
N THR A 16 5.46 1.34 1.98
CA THR A 16 5.69 1.86 3.32
C THR A 16 4.54 2.74 3.77
N LEU A 17 4.37 2.83 5.09
CA LEU A 17 3.44 3.77 5.70
C LEU A 17 4.22 4.62 6.69
N LYS A 18 4.19 5.94 6.50
CA LYS A 18 5.02 6.85 7.28
C LYS A 18 4.22 8.06 7.71
N LEU A 19 4.30 8.37 9.00
CA LEU A 19 3.65 9.52 9.60
C LEU A 19 4.66 10.65 9.75
N GLY A 20 4.40 11.77 9.07
CA GLY A 20 5.28 12.92 9.14
C GLY A 20 6.72 12.52 8.85
N GLY A 21 7.66 13.09 9.62
CA GLY A 21 9.06 12.75 9.47
C GLY A 21 9.53 11.65 10.43
N TYR A 22 8.58 11.06 11.16
CA TYR A 22 8.91 10.01 12.12
C TYR A 22 9.32 8.71 11.42
N GLU A 23 10.15 7.93 12.09
CA GLU A 23 10.55 6.62 11.56
C GLU A 23 9.33 5.85 11.06
N PRO A 24 9.40 5.33 9.83
CA PRO A 24 8.22 4.72 9.19
C PRO A 24 7.56 3.67 10.08
N LEU A 25 6.24 3.68 10.12
CA LEU A 25 5.48 2.75 10.94
C LEU A 25 5.55 1.35 10.36
N PHE A 26 5.48 1.26 9.03
CA PHE A 26 5.29 -0.03 8.37
C PHE A 26 6.12 -0.04 7.09
N THR A 27 6.86 -1.12 6.88
CA THR A 27 7.54 -1.36 5.61
C THR A 27 7.34 -2.82 5.24
N MET A 28 7.17 -3.10 3.95
CA MET A 28 7.07 -4.50 3.50
C MET A 28 7.53 -4.60 2.06
N SER A 29 8.31 -5.63 1.77
CA SER A 29 8.70 -5.95 0.41
C SER A 29 8.22 -7.34 0.04
N ALA A 30 7.33 -7.41 -0.94
CA ALA A 30 6.83 -8.67 -1.45
C ALA A 30 7.67 -9.14 -2.64
N GLN A 31 8.10 -10.39 -2.60
CA GLN A 31 8.79 -11.04 -3.71
C GLN A 31 8.18 -12.43 -3.92
N GLN A 32 8.69 -13.18 -4.88
CA GLN A 32 8.19 -14.53 -5.17
C GLN A 32 7.98 -15.38 -3.92
N PRO A 33 6.87 -16.14 -3.84
CA PRO A 33 5.75 -16.28 -4.76
C PRO A 33 4.60 -15.39 -4.32
N SER A 34 4.89 -14.31 -3.57
CA SER A 34 3.86 -13.38 -3.08
C SER A 34 3.36 -12.43 -4.16
N ILE A 35 4.03 -12.45 -5.31
CA ILE A 35 3.59 -11.67 -6.46
C ILE A 35 2.94 -12.65 -7.43
N VAL A 36 1.62 -12.67 -7.45
CA VAL A 36 0.89 -13.77 -8.09
C VAL A 36 0.30 -13.32 -9.41
N PRO A 37 0.81 -13.85 -10.52
CA PRO A 37 0.21 -13.48 -11.81
C PRO A 37 -1.25 -13.89 -11.89
N PHE A 38 -2.05 -13.07 -12.58
CA PHE A 38 -3.45 -13.40 -12.81
C PHE A 38 -3.60 -14.68 -13.60
N THR A 39 -4.49 -15.55 -13.14
CA THR A 39 -4.96 -16.66 -13.95
C THR A 39 -6.13 -16.18 -14.80
N PRO A 40 -6.56 -16.99 -15.79
CA PRO A 40 -7.77 -16.59 -16.51
C PRO A 40 -8.97 -16.46 -15.57
N GLN A 41 -9.01 -17.24 -14.50
CA GLN A 41 -10.06 -17.08 -13.50
C GLN A 41 -10.04 -15.69 -12.85
N ALA A 42 -8.85 -15.25 -12.42
CA ALA A 42 -8.70 -13.93 -11.84
C ALA A 42 -9.12 -12.84 -12.81
N TYR A 43 -8.77 -13.02 -14.09
CA TYR A 43 -9.10 -12.02 -15.10
C TYR A 43 -10.60 -11.97 -15.33
N GLU A 44 -11.23 -13.14 -15.35
CA GLU A 44 -12.68 -13.21 -15.47
C GLU A 44 -13.38 -12.54 -14.31
N GLU A 45 -12.90 -12.79 -13.10
CA GLU A 45 -13.50 -12.20 -11.91
C GLU A 45 -13.36 -10.68 -11.92
N LEU A 46 -12.18 -10.19 -12.31
CA LEU A 46 -11.97 -8.76 -12.42
C LEU A 46 -12.91 -8.17 -13.48
N SER A 47 -13.05 -8.87 -14.59
CA SER A 47 -13.95 -8.43 -15.66
C SER A 47 -15.40 -8.40 -15.21
N GLN A 48 -15.81 -9.38 -14.41
CA GLN A 48 -17.17 -9.38 -13.88
C GLN A 48 -17.39 -8.22 -12.91
N GLN A 49 -16.37 -7.91 -12.11
CA GLN A 49 -16.45 -6.83 -11.16
C GLN A 49 -16.66 -5.48 -11.85
N PHE A 50 -15.99 -5.28 -12.97
CA PHE A 50 -16.00 -3.99 -13.65
C PHE A 50 -16.87 -3.96 -14.91
N ASP A 51 -17.60 -5.05 -15.14
CA ASP A 51 -18.45 -5.17 -16.33
C ASP A 51 -19.39 -3.99 -16.59
N PRO A 52 -20.03 -3.42 -15.55
CA PRO A 52 -20.97 -2.33 -15.86
C PRO A 52 -20.31 -1.05 -16.38
N TYR A 53 -18.98 -0.97 -16.38
CA TYR A 53 -18.28 0.28 -16.62
C TYR A 53 -17.37 0.20 -17.85
N PRO A 54 -17.85 0.70 -19.00
CA PRO A 54 -17.09 0.60 -20.25
C PRO A 54 -15.68 1.17 -20.16
N LEU A 55 -15.52 2.28 -19.44
CA LEU A 55 -14.23 2.93 -19.25
C LEU A 55 -13.24 1.98 -18.55
N ALA A 56 -13.72 1.32 -17.51
CA ALA A 56 -12.90 0.35 -16.78
C ALA A 56 -12.58 -0.83 -17.67
N MET A 57 -13.57 -1.32 -18.40
CA MET A 57 -13.35 -2.46 -19.28
C MET A 57 -12.38 -2.15 -20.43
N GLN A 58 -12.43 -0.93 -20.94
CA GLN A 58 -11.48 -0.50 -21.98
C GLN A 58 -10.04 -0.53 -21.45
N PHE A 59 -9.86 -0.17 -20.18
CA PHE A 59 -8.53 -0.25 -19.58
C PHE A 59 -8.12 -1.69 -19.40
N ILE A 60 -9.00 -2.50 -18.82
CA ILE A 60 -8.70 -3.89 -18.50
C ILE A 60 -8.36 -4.71 -19.76
N SER A 61 -9.09 -4.45 -20.85
CA SER A 61 -8.90 -5.17 -22.11
C SER A 61 -7.54 -4.90 -22.76
N GLN A 62 -6.79 -3.92 -22.24
CA GLN A 62 -5.46 -3.63 -22.76
C GLN A 62 -4.43 -4.59 -22.20
N TYR A 63 -4.84 -5.40 -21.23
CA TYR A 63 -3.92 -6.27 -20.51
C TYR A 63 -4.34 -7.71 -20.64
N SER A 64 -3.36 -8.58 -20.84
CA SER A 64 -3.58 -10.02 -20.75
C SER A 64 -3.43 -10.41 -19.29
N PRO A 65 -3.98 -11.58 -18.90
CA PRO A 65 -3.76 -12.06 -17.52
C PRO A 65 -2.29 -12.00 -17.10
N GLU A 66 -1.39 -12.39 -18.00
CA GLU A 66 0.03 -12.42 -17.67
C GLU A 66 0.62 -11.04 -17.36
N ASP A 67 -0.07 -9.98 -17.78
CA ASP A 67 0.39 -8.62 -17.52
C ASP A 67 -0.03 -8.09 -16.16
N ILE A 68 -0.84 -8.87 -15.44
CA ILE A 68 -1.41 -8.37 -14.19
C ILE A 68 -0.97 -9.28 -13.06
N VAL A 69 -0.60 -8.69 -11.91
CA VAL A 69 -0.29 -9.49 -10.74
C VAL A 69 -1.10 -9.00 -9.55
N THR A 70 -1.26 -9.88 -8.56
CA THR A 70 -1.69 -9.44 -7.24
C THR A 70 -0.49 -9.55 -6.32
N ALA A 71 -0.04 -8.41 -5.81
CA ALA A 71 0.99 -8.41 -4.77
C ALA A 71 0.30 -8.66 -3.45
N GLN A 72 0.53 -9.84 -2.88
CA GLN A 72 -0.08 -10.23 -1.62
C GLN A 72 0.78 -9.69 -0.47
N ILE A 73 0.57 -8.42 -0.18
CA ILE A 73 1.42 -7.70 0.77
C ILE A 73 1.10 -8.11 2.20
N GLU A 74 2.09 -8.62 2.93
CA GLU A 74 1.91 -8.94 4.34
C GLU A 74 1.71 -7.66 5.14
N GLY A 75 0.70 -7.65 6.01
CA GLY A 75 0.36 -6.45 6.74
C GLY A 75 1.13 -6.19 8.01
N SER A 76 1.88 -7.19 8.49
CA SER A 76 2.73 -6.99 9.65
C SER A 76 4.04 -6.41 9.14
N SER A 77 4.49 -5.29 9.70
CA SER A 77 5.72 -4.67 9.22
C SER A 77 6.88 -5.66 9.20
N GLY A 78 7.72 -5.56 8.17
CA GLY A 78 8.88 -6.42 8.05
C GLY A 78 10.01 -6.11 9.01
N ALA A 79 9.92 -4.94 9.66
CA ALA A 79 10.99 -4.48 10.52
C ALA A 79 10.41 -3.92 11.83
N LEU A 80 11.18 -4.06 12.90
CA LEU A 80 10.83 -3.42 14.16
C LEU A 80 10.81 -1.92 13.97
N TRP A 81 9.93 -1.24 14.70
CA TRP A 81 9.89 0.22 14.66
C TRP A 81 11.18 0.78 15.26
N ARG A 82 11.86 1.63 14.50
CA ARG A 82 13.21 2.12 14.82
C ARG A 82 13.25 3.36 15.72
N ILE A 83 12.07 3.91 16.02
CA ILE A 83 11.97 5.23 16.63
C ILE A 83 12.67 5.33 17.99
N SER A 84 13.30 6.48 18.24
CA SER A 84 13.94 6.73 19.53
C SER A 84 12.90 7.10 20.58
N PRO A 85 13.22 6.93 21.87
CA PRO A 85 12.24 7.35 22.87
C PRO A 85 11.81 8.83 22.79
N PRO A 86 12.76 9.77 22.60
CA PRO A 86 12.25 11.15 22.51
C PRO A 86 11.37 11.40 21.29
N SER A 87 11.68 10.78 20.15
CA SER A 87 10.84 10.99 18.99
C SER A 87 9.48 10.32 19.13
N ARG A 88 9.42 9.18 19.83
CA ARG A 88 8.13 8.54 20.10
C ARG A 88 7.27 9.46 20.96
N ALA A 89 7.87 10.07 21.96
CA ALA A 89 7.16 11.03 22.79
C ALA A 89 6.73 12.26 22.00
N GLN A 90 7.59 12.74 21.11
CA GLN A 90 7.28 13.90 20.28
C GLN A 90 6.10 13.59 19.36
N MET A 91 6.11 12.39 18.78
CA MET A 91 5.04 11.96 17.89
C MET A 91 3.71 11.90 18.61
N LYS A 92 3.70 11.32 19.81
CA LYS A 92 2.48 11.24 20.61
C LYS A 92 1.95 12.63 20.89
N GLN A 93 2.83 13.53 21.32
CA GLN A 93 2.44 14.90 21.62
C GLN A 93 1.94 15.63 20.37
N GLU A 94 2.62 15.45 19.26
CA GLU A 94 2.21 16.12 18.03
C GLU A 94 0.84 15.62 17.58
N LEU A 95 0.65 14.30 17.60
CA LEU A 95 -0.66 13.74 17.27
C LEU A 95 -1.77 14.33 18.13
N TYR A 96 -1.58 14.32 19.45
CA TYR A 96 -2.59 14.87 20.36
C TYR A 96 -2.72 16.39 20.29
N ASN A 97 -1.59 17.09 20.40
CA ASN A 97 -1.62 18.52 20.72
C ASN A 97 -1.25 19.46 19.58
N GLY A 98 -0.76 18.89 18.48
CA GLY A 98 -0.28 19.72 17.39
C GLY A 98 -1.38 20.55 16.78
N THR A 99 -1.02 21.76 16.36
CA THR A 99 -1.99 22.68 15.75
C THR A 99 -1.91 22.71 14.24
N ALA A 100 -0.97 21.98 13.66
CA ALA A 100 -0.84 21.87 12.21
C ALA A 100 -1.27 20.49 11.75
N ASP A 101 -1.49 20.34 10.45
CA ASP A 101 -1.72 19.04 9.85
C ASP A 101 -0.51 18.15 10.07
N ILE A 102 -0.73 16.85 10.00
CA ILE A 102 0.37 15.89 9.96
C ILE A 102 0.15 14.98 8.75
N THR A 103 1.20 14.71 8.00
CA THR A 103 1.06 13.95 6.77
C THR A 103 1.15 12.45 7.04
N LEU A 104 0.22 11.69 6.48
CA LEU A 104 0.33 10.24 6.48
C LEU A 104 0.54 9.80 5.04
N ARG A 105 1.64 9.09 4.78
CA ARG A 105 2.04 8.75 3.42
C ARG A 105 2.09 7.25 3.23
N PHE A 106 1.46 6.77 2.17
CA PHE A 106 1.57 5.38 1.76
C PHE A 106 2.29 5.34 0.42
N THR A 107 3.43 4.68 0.38
CA THR A 107 4.25 4.64 -0.85
C THR A 107 4.28 3.25 -1.45
N TRP A 108 4.50 3.19 -2.76
CA TRP A 108 4.74 1.91 -3.44
C TRP A 108 5.87 2.09 -4.44
N ASN A 109 6.66 1.04 -4.59
CA ASN A 109 7.81 1.07 -5.51
C ASN A 109 7.93 -0.31 -6.10
N PHE A 110 7.80 -0.40 -7.42
CA PHE A 110 7.83 -1.68 -8.11
C PHE A 110 9.15 -1.83 -8.87
N GLN A 111 9.87 -2.90 -8.58
CA GLN A 111 11.12 -3.21 -9.27
C GLN A 111 10.87 -4.21 -10.39
N ARG A 112 11.49 -3.95 -11.55
CA ARG A 112 11.37 -4.83 -12.71
C ARG A 112 12.74 -5.37 -13.10
N ASP A 113 12.74 -6.46 -13.86
CA ASP A 113 13.97 -7.07 -14.33
C ASP A 113 14.31 -6.57 -15.74
N LEU A 114 15.30 -5.69 -15.83
CA LEU A 114 15.70 -5.10 -17.11
C LEU A 114 16.28 -6.11 -18.10
N ALA A 115 16.65 -7.28 -17.60
CA ALA A 115 17.20 -8.32 -18.46
C ALA A 115 16.14 -8.83 -19.44
N LYS A 116 14.86 -8.67 -19.08
CA LYS A 116 13.75 -9.08 -19.92
C LYS A 116 13.49 -8.05 -21.01
N GLY A 117 13.92 -6.82 -20.76
CA GLY A 117 13.60 -5.70 -21.63
C GLY A 117 13.23 -4.50 -20.78
N GLY A 118 12.91 -3.39 -21.43
CA GLY A 118 12.58 -2.16 -20.73
C GLY A 118 13.82 -1.36 -20.38
N THR A 119 13.61 -0.13 -19.92
CA THR A 119 14.72 0.77 -19.58
C THR A 119 14.64 1.35 -18.17
N VAL A 120 13.47 1.30 -17.55
CA VAL A 120 13.28 1.90 -16.24
C VAL A 120 13.01 0.84 -15.17
N GLU A 121 14.01 0.59 -14.32
CA GLU A 121 13.95 -0.50 -13.36
C GLU A 121 12.83 -0.34 -12.35
N TYR A 122 12.74 0.85 -11.74
CA TYR A 122 11.76 1.11 -10.70
C TYR A 122 10.67 2.07 -11.17
N THR A 123 9.43 1.76 -10.83
CA THR A 123 8.35 2.70 -11.07
C THR A 123 7.58 2.81 -9.76
N ASN A 124 7.20 4.03 -9.39
CA ASN A 124 6.71 4.29 -8.05
C ASN A 124 5.80 5.51 -7.98
N GLU A 125 5.13 5.66 -6.83
CA GLU A 125 4.37 6.86 -6.51
C GLU A 125 3.94 6.74 -5.06
N LYS A 126 3.08 7.66 -4.63
CA LYS A 126 2.64 7.66 -3.25
C LYS A 126 1.27 8.28 -3.17
N HIS A 127 0.60 7.99 -2.06
CA HIS A 127 -0.66 8.62 -1.72
C HIS A 127 -0.50 9.24 -0.34
N THR A 128 -0.91 10.49 -0.20
CA THR A 128 -0.78 11.15 1.09
C THR A 128 -2.12 11.65 1.58
N LEU A 129 -2.28 11.65 2.90
CA LEU A 129 -3.43 12.24 3.55
C LEU A 129 -2.91 13.23 4.57
N GLU A 130 -3.56 14.39 4.67
CA GLU A 130 -3.24 15.32 5.73
C GLU A 130 -4.23 15.11 6.88
N LEU A 131 -3.73 14.63 8.01
CA LEU A 131 -4.59 14.44 9.17
C LEU A 131 -4.72 15.75 9.95
N ALA A 132 -5.94 16.28 9.96
CA ALA A 132 -6.18 17.58 10.59
C ALA A 132 -6.00 17.53 12.10
N PRO A 133 -5.55 18.65 12.68
CA PRO A 133 -5.41 18.67 14.15
C PRO A 133 -6.73 18.34 14.86
N ASN A 134 -6.62 17.60 15.97
CA ASN A 134 -7.77 17.23 16.79
C ASN A 134 -8.77 16.29 16.11
N SER A 135 -8.44 15.80 14.92
CA SER A 135 -9.36 14.90 14.23
C SER A 135 -9.42 13.58 14.95
N THR A 136 -10.54 12.87 14.81
CA THR A 136 -10.75 11.61 15.51
C THR A 136 -9.66 10.57 15.21
N ALA A 137 -9.34 10.38 13.93
CA ALA A 137 -8.33 9.40 13.54
C ALA A 137 -6.97 9.72 14.15
N ARG A 138 -6.65 11.00 14.20
CA ARG A 138 -5.37 11.44 14.70
C ARG A 138 -5.26 11.15 16.20
N ARG A 139 -6.31 11.45 16.95
CA ARG A 139 -6.33 11.17 18.38
C ARG A 139 -6.32 9.68 18.66
N GLN A 140 -7.06 8.92 17.84
CA GLN A 140 -7.11 7.47 18.00
C GLN A 140 -5.76 6.83 17.68
N LEU A 141 -5.05 7.35 16.68
CA LEU A 141 -3.71 6.85 16.38
C LEU A 141 -2.78 7.11 17.57
N ALA A 142 -2.85 8.32 18.14
CA ALA A 142 -2.04 8.65 19.30
C ALA A 142 -2.32 7.69 20.45
N GLN A 143 -3.59 7.37 20.65
CA GLN A 143 -4.01 6.48 21.72
C GLN A 143 -3.38 5.09 21.60
N LEU A 144 -3.11 4.64 20.39
CA LEU A 144 -2.51 3.32 20.22
C LEU A 144 -1.17 3.21 20.92
N LEU A 145 -0.47 4.32 21.04
CA LEU A 145 0.85 4.33 21.66
C LEU A 145 0.81 3.97 23.14
N GLU A 146 -0.37 4.02 23.74
CA GLU A 146 -0.48 3.69 25.15
C GLU A 146 -0.36 2.17 25.35
N GLY A 147 -0.50 1.42 24.26
CA GLY A 147 -0.20 -0.01 24.30
C GLY A 147 -1.30 -0.96 24.75
N ARG A 148 -2.55 -0.54 24.65
CA ARG A 148 -3.66 -1.47 24.85
C ARG A 148 -3.86 -2.26 23.56
N PRO A 149 -3.62 -3.59 23.62
CA PRO A 149 -3.50 -4.43 22.42
C PRO A 149 -4.78 -4.57 21.59
N ASP A 150 -5.94 -4.38 22.21
CA ASP A 150 -7.22 -4.54 21.54
C ASP A 150 -7.58 -3.35 20.67
N GLN A 151 -6.88 -2.23 20.83
CA GLN A 151 -7.27 -1.00 20.16
C GLN A 151 -6.70 -0.87 18.74
N SER A 152 -7.39 -0.09 17.93
CA SER A 152 -7.00 0.13 16.54
C SER A 152 -7.55 1.45 16.05
N VAL A 153 -7.05 1.89 14.90
CA VAL A 153 -7.61 3.06 14.22
C VAL A 153 -7.84 2.75 12.74
N VAL A 154 -8.96 3.22 12.20
CA VAL A 154 -9.20 3.10 10.78
C VAL A 154 -8.89 4.42 10.10
N ILE A 155 -8.06 4.35 9.06
CA ILE A 155 -7.79 5.50 8.22
C ILE A 155 -8.52 5.27 6.90
N PRO A 156 -9.56 6.08 6.61
CA PRO A 156 -10.30 5.87 5.37
C PRO A 156 -9.45 6.25 4.16
N HIS A 157 -9.70 5.60 3.03
CA HIS A 157 -9.19 6.04 1.74
C HIS A 157 -7.67 6.13 1.68
N LEU A 158 -7.00 5.10 2.17
CA LEU A 158 -5.55 5.09 2.25
C LEU A 158 -4.87 4.19 1.22
N PHE A 159 -5.50 3.07 0.88
CA PHE A 159 -4.87 2.03 0.06
C PHE A 159 -5.44 2.01 -1.35
N PRO A 160 -4.66 2.47 -2.35
CA PRO A 160 -5.15 2.35 -3.73
C PRO A 160 -4.94 0.92 -4.23
N LYS A 161 -6.03 0.18 -4.38
CA LYS A 161 -5.91 -1.23 -4.73
C LYS A 161 -5.38 -1.49 -6.14
N TYR A 162 -5.77 -0.66 -7.09
CA TYR A 162 -5.45 -0.89 -8.50
C TYR A 162 -4.44 0.14 -8.98
N ILE A 163 -3.25 -0.32 -9.33
CA ILE A 163 -2.17 0.57 -9.74
C ILE A 163 -1.55 0.09 -11.05
N ARG A 164 -1.19 1.03 -11.92
CA ARG A 164 -0.51 0.72 -13.16
C ARG A 164 1.01 0.86 -12.99
N ALA A 165 1.74 -0.11 -13.54
CA ALA A 165 3.21 -0.10 -13.54
C ALA A 165 3.66 0.03 -14.98
N PRO A 166 3.79 1.26 -15.46
CA PRO A 166 4.03 1.48 -16.89
C PRO A 166 5.51 1.40 -17.20
N ASN A 167 5.88 1.66 -18.44
CA ASN A 167 7.29 1.61 -18.82
C ASN A 167 8.11 2.69 -18.12
N GLY A 168 7.46 3.83 -17.84
CA GLY A 168 8.11 4.96 -17.20
C GLY A 168 8.13 4.87 -15.67
N PRO A 169 8.74 5.86 -15.02
CA PRO A 169 9.03 5.82 -13.57
C PRO A 169 7.85 6.20 -12.65
N GLU A 170 6.73 6.61 -13.21
CA GLU A 170 5.59 7.06 -12.40
C GLU A 170 4.45 6.05 -12.50
N ALA A 171 4.09 5.48 -11.35
CA ALA A 171 3.11 4.40 -11.27
C ALA A 171 1.84 4.89 -10.58
N ASN A 172 0.86 5.36 -11.37
CA ASN A 172 -0.31 5.97 -10.77
C ASN A 172 -1.44 4.98 -10.53
N PRO A 173 -2.20 5.20 -9.45
CA PRO A 173 -3.43 4.40 -9.28
C PRO A 173 -4.30 4.56 -10.53
N VAL A 174 -4.96 3.49 -10.94
CA VAL A 174 -5.70 3.50 -12.19
C VAL A 174 -7.00 4.28 -12.06
N LYS A 175 -7.07 5.45 -12.67
CA LYS A 175 -8.25 6.29 -12.56
C LYS A 175 -9.49 5.61 -13.15
N GLN A 176 -9.31 4.85 -14.22
CA GLN A 176 -10.47 4.21 -14.86
C GLN A 176 -11.16 3.18 -13.97
N LEU A 177 -10.42 2.62 -13.01
CA LEU A 177 -10.98 1.65 -12.07
C LEU A 177 -11.31 2.30 -10.73
N GLN A 178 -10.76 3.51 -10.52
CA GLN A 178 -10.99 4.29 -9.30
C GLN A 178 -11.32 5.72 -9.71
N PRO A 179 -12.47 5.91 -10.39
CA PRO A 179 -12.76 7.22 -11.01
C PRO A 179 -12.97 8.36 -10.02
N ASP A 180 -13.30 8.04 -8.78
CA ASP A 180 -13.44 9.08 -7.76
C ASP A 180 -12.15 9.24 -6.98
N GLU A 181 -11.06 8.69 -7.54
CA GLU A 181 -9.72 8.86 -7.01
C GLU A 181 -9.62 8.46 -5.54
N GLU A 182 -9.16 9.37 -4.69
CA GLU A 182 -8.99 9.09 -3.26
C GLU A 182 -10.23 8.45 -2.63
N GLU A 183 -11.41 8.88 -3.06
CA GLU A 183 -12.66 8.37 -2.52
C GLU A 183 -12.86 6.89 -2.83
N ASP A 184 -12.13 6.38 -3.82
CA ASP A 184 -12.21 4.97 -4.19
C ASP A 184 -11.09 4.12 -3.60
N TYR A 185 -10.22 4.73 -2.81
CA TYR A 185 -9.15 3.97 -2.16
C TYR A 185 -9.70 3.32 -0.90
N LEU A 186 -9.09 2.21 -0.49
CA LEU A 186 -9.65 1.41 0.59
C LEU A 186 -9.19 1.89 1.97
N GLY A 187 -10.08 1.75 2.94
CA GLY A 187 -9.72 2.05 4.32
C GLY A 187 -8.76 1.02 4.88
N VAL A 188 -7.92 1.48 5.80
CA VAL A 188 -6.89 0.64 6.42
C VAL A 188 -7.00 0.70 7.93
N ARG A 189 -7.02 -0.47 8.57
CA ARG A 189 -7.05 -0.55 10.03
C ARG A 189 -5.62 -0.74 10.52
N ILE A 190 -5.20 0.09 11.45
CA ILE A 190 -3.83 0.09 11.96
C ILE A 190 -3.79 -0.31 13.44
N GLN A 191 -2.83 -1.15 13.79
CA GLN A 191 -2.62 -1.56 15.16
C GLN A 191 -1.14 -1.54 15.48
N LEU A 192 -0.84 -1.36 16.76
CA LEU A 192 0.53 -1.42 17.26
C LEU A 192 0.72 -2.72 18.02
N ARG A 193 1.72 -3.51 17.62
CA ARG A 193 2.07 -4.74 18.32
C ARG A 193 3.27 -4.50 19.22
N ARG A 194 3.22 -5.08 20.42
CA ARG A 194 4.30 -4.93 21.39
C ARG A 194 4.63 -6.28 22.01
N GLU A 195 5.92 -6.54 22.18
CA GLU A 195 6.39 -7.75 22.86
C GLU A 195 7.36 -7.32 23.96
N GLN A 196 7.11 -7.74 25.20
CA GLN A 196 8.00 -7.37 26.29
C GLN A 196 9.37 -8.03 26.12
N VAL A 197 10.43 -7.29 26.43
CA VAL A 197 11.79 -7.81 26.29
C VAL A 197 12.21 -8.62 27.51
N SER A 211 10.01 1.23 26.03
CA SER A 211 11.42 0.91 25.89
C SER A 211 11.77 -0.48 26.44
N ASP A 212 10.83 -1.09 27.15
CA ASP A 212 10.97 -2.48 27.57
C ASP A 212 10.06 -3.36 26.72
N PHE A 213 9.67 -2.82 25.57
CA PHE A 213 8.88 -3.57 24.61
C PHE A 213 9.48 -3.41 23.23
N LEU A 214 9.56 -4.50 22.49
CA LEU A 214 9.77 -4.41 21.05
C LEU A 214 8.46 -3.93 20.46
N GLU A 215 8.51 -3.08 19.44
CA GLU A 215 7.29 -2.58 18.82
C GLU A 215 7.35 -2.71 17.30
N TRP A 216 6.22 -3.07 16.71
CA TRP A 216 6.05 -3.00 15.26
C TRP A 216 4.59 -2.76 14.93
N TRP A 217 4.35 -2.21 13.75
CA TRP A 217 2.99 -1.86 13.36
C TRP A 217 2.40 -2.90 12.41
N VAL A 218 1.09 -3.05 12.47
CA VAL A 218 0.37 -4.01 11.65
C VAL A 218 -0.79 -3.30 10.99
N ILE A 219 -0.90 -3.44 9.67
CA ILE A 219 -2.01 -2.87 8.96
C ILE A 219 -2.83 -3.98 8.29
N GLU A 220 -4.12 -3.72 8.10
CA GLU A 220 -4.99 -4.63 7.36
C GLU A 220 -6.01 -3.80 6.61
N LEU A 221 -6.60 -4.34 5.55
CA LEU A 221 -7.70 -3.63 4.92
C LEU A 221 -8.89 -3.62 5.87
N GLN A 222 -9.55 -2.48 5.99
CA GLN A 222 -10.69 -2.33 6.90
C GLN A 222 -11.74 -3.43 6.68
N ASP A 223 -12.00 -3.74 5.42
CA ASP A 223 -13.04 -4.72 5.11
C ASP A 223 -12.50 -6.10 4.78
N CYS A 224 -11.30 -6.42 5.27
CA CYS A 224 -10.74 -7.74 5.02
C CYS A 224 -11.64 -8.83 5.59
N LYS A 225 -11.71 -9.95 4.90
CA LYS A 225 -12.58 -11.05 5.32
C LYS A 225 -11.80 -12.34 5.52
N ALA A 226 -11.34 -12.92 4.41
CA ALA A 226 -10.72 -14.25 4.47
C ALA A 226 -9.25 -14.23 4.85
N ASP A 227 -8.52 -13.20 4.43
CA ASP A 227 -7.08 -13.17 4.65
C ASP A 227 -6.65 -11.79 5.15
N CYS A 228 -6.99 -11.48 6.39
CA CYS A 228 -6.69 -10.16 6.92
C CYS A 228 -5.19 -9.87 7.05
N ASN A 229 -4.36 -10.91 7.00
CA ASN A 229 -2.92 -10.68 7.01
C ASN A 229 -2.37 -10.13 5.69
N LEU A 230 -3.19 -10.12 4.64
CA LEU A 230 -2.77 -9.70 3.29
C LEU A 230 -3.47 -8.45 2.82
N LEU A 231 -2.71 -7.57 2.17
CA LEU A 231 -3.31 -6.42 1.49
C LEU A 231 -3.03 -6.58 0.01
N PRO A 232 -4.00 -7.14 -0.73
CA PRO A 232 -3.76 -7.46 -2.13
C PRO A 232 -3.81 -6.24 -3.05
N MET A 233 -2.65 -5.89 -3.59
CA MET A 233 -2.54 -4.78 -4.53
C MET A 233 -2.48 -5.34 -5.94
N VAL A 234 -3.38 -4.87 -6.80
CA VAL A 234 -3.47 -5.39 -8.15
C VAL A 234 -2.73 -4.45 -9.09
N ILE A 235 -1.71 -4.98 -9.77
CA ILE A 235 -0.78 -4.17 -10.55
C ILE A 235 -0.83 -4.58 -12.02
N PHE A 236 -1.14 -3.60 -12.88
CA PHE A 236 -1.22 -3.78 -14.32
C PHE A 236 0.06 -3.27 -14.95
N SER A 237 0.85 -4.16 -15.56
CA SER A 237 2.14 -3.77 -16.12
C SER A 237 2.11 -3.74 -17.64
N ASP A 238 2.40 -2.58 -18.23
CA ASP A 238 2.51 -2.49 -19.69
C ASP A 238 3.65 -3.38 -20.16
N LYS A 239 3.50 -4.03 -21.30
CA LYS A 239 4.59 -4.82 -21.86
C LYS A 239 5.77 -3.93 -22.23
N VAL A 240 6.96 -4.53 -22.35
CA VAL A 240 8.15 -3.81 -22.78
C VAL A 240 8.76 -4.43 -24.04
N SER A 241 9.62 -3.67 -24.70
CA SER A 241 10.39 -4.19 -25.82
C SER A 241 11.56 -5.02 -25.30
N PRO A 242 12.01 -6.00 -26.10
CA PRO A 242 13.22 -6.78 -25.80
C PRO A 242 14.43 -5.89 -25.52
N PRO A 243 15.46 -6.42 -24.85
CA PRO A 243 16.65 -5.64 -24.47
C PRO A 243 17.50 -5.24 -25.68
N SER A 244 18.23 -4.14 -25.54
CA SER A 244 19.14 -3.67 -26.58
C SER A 244 20.39 -3.02 -25.98
#